data_5FSX
#
_entry.id   5FSX
#
_cell.length_a   65.957
_cell.length_b   115.590
_cell.length_c   70.440
_cell.angle_alpha   90.00
_cell.angle_beta   93.81
_cell.angle_gamma   90.00
#
_symmetry.space_group_name_H-M   'I 1 2 1'
#
loop_
_entity.id
_entity.type
_entity.pdbx_description
1 polymer MACRODOMAIN
2 non-polymer "ADENOSINE-5'-DIPHOSPHATE"
3 non-polymer GLYCEROL
4 water water
#
_entity_poly.entity_id   1
_entity_poly.type   'polypeptide(L)'
_entity_poly.pdbx_seq_one_letter_code
;SMKRGRGGRVDPFEFVTYSGEEIKESSSEERVKEGANKSSPTRTRILSAALSPAERAIFDVPIEKWLSIDRSSLSGWKCA
VPRPVTIEQLRPVDPSDAILRHIALYRGPVTDLQLDAIVNAANTRCLGGGGVDGAIHRVAGPLLLRECATFNGCQTGECR
LTKGYQLPARYVLHTVGPVGERPDMLRKCYRSILSLALKNGLRSIGFCCVSTGVYGYPLLPATRIALGETRKFLEEHGGA
LDMCCFACFQEDEYKTYEKCVGKSSL
;
_entity_poly.pdbx_strand_id   A,B
#
# COMPACT_ATOMS: atom_id res chain seq x y z
N GLU A 14 -2.90 -9.76 1.38
CA GLU A 14 -2.30 -10.82 0.55
C GLU A 14 -1.11 -10.32 -0.26
N PHE A 15 -0.04 -11.11 -0.27
CA PHE A 15 1.23 -10.68 -0.91
C PHE A 15 1.28 -11.03 -2.39
N VAL A 16 2.00 -10.17 -3.12
CA VAL A 16 2.40 -10.45 -4.49
C VAL A 16 3.78 -11.10 -4.43
N THR A 17 3.88 -12.36 -4.82
CA THR A 17 5.11 -13.12 -4.59
C THR A 17 5.92 -13.38 -5.86
N TYR A 18 5.42 -12.89 -6.99
CA TYR A 18 6.20 -12.97 -8.22
C TYR A 18 5.96 -11.67 -9.01
N SER A 19 7.00 -11.21 -9.70
CA SER A 19 6.94 -9.95 -10.42
C SER A 19 6.61 -10.14 -11.90
N GLY A 20 6.76 -11.36 -12.39
CA GLY A 20 6.44 -11.70 -13.76
C GLY A 20 5.07 -12.36 -13.87
N GLU A 21 4.83 -12.98 -15.02
CA GLU A 21 3.59 -13.73 -15.26
C GLU A 21 3.92 -15.21 -15.34
N GLU A 22 3.09 -16.03 -14.70
CA GLU A 22 3.33 -17.47 -14.61
C GLU A 22 3.37 -18.13 -15.99
N SER A 39 13.66 -31.80 -13.60
CA SER A 39 13.35 -30.66 -12.74
C SER A 39 12.04 -30.86 -11.98
N SER A 40 10.94 -31.04 -12.70
CA SER A 40 9.63 -31.28 -12.07
C SER A 40 9.67 -32.45 -11.09
N PRO A 41 10.38 -33.54 -11.44
CA PRO A 41 10.56 -34.63 -10.47
C PRO A 41 11.37 -34.20 -9.26
N THR A 42 12.32 -33.31 -9.47
CA THR A 42 13.17 -32.81 -8.39
C THR A 42 12.32 -32.07 -7.36
N ARG A 43 11.43 -31.21 -7.83
CA ARG A 43 10.61 -30.40 -6.92
C ARG A 43 9.62 -31.28 -6.17
N THR A 44 8.92 -32.17 -6.88
CA THR A 44 8.03 -33.11 -6.22
C THR A 44 8.81 -33.90 -5.15
N ARG A 45 10.03 -34.32 -5.48
CA ARG A 45 10.88 -35.03 -4.52
C ARG A 45 11.17 -34.22 -3.26
N ILE A 46 11.62 -32.98 -3.43
CA ILE A 46 11.87 -32.07 -2.32
C ILE A 46 10.63 -31.92 -1.45
N LEU A 47 9.48 -31.77 -2.09
CA LEU A 47 8.24 -31.53 -1.37
C LEU A 47 7.68 -32.76 -0.65
N SER A 48 8.14 -33.94 -1.05
CA SER A 48 7.61 -35.19 -0.47
C SER A 48 8.35 -35.58 0.81
N ALA A 49 9.50 -34.97 1.07
CA ALA A 49 10.24 -35.27 2.28
C ALA A 49 9.39 -34.97 3.52
N ALA A 50 9.56 -35.76 4.56
CA ALA A 50 8.82 -35.58 5.79
C ALA A 50 9.28 -34.31 6.49
N LEU A 51 8.36 -33.66 7.21
CA LEU A 51 8.74 -32.54 8.08
C LEU A 51 8.34 -32.87 9.51
N SER A 52 9.11 -32.36 10.46
CA SER A 52 8.71 -32.47 11.85
C SER A 52 7.48 -31.57 12.05
N PRO A 53 6.72 -31.78 13.14
CA PRO A 53 5.60 -30.86 13.38
C PRO A 53 6.06 -29.39 13.50
N ALA A 54 7.20 -29.16 14.15
CA ALA A 54 7.73 -27.82 14.35
C ALA A 54 8.14 -27.15 13.03
N GLU A 55 8.64 -27.94 12.10
CA GLU A 55 9.05 -27.46 10.77
C GLU A 55 7.84 -27.11 9.92
N ARG A 56 6.83 -27.96 10.04
CA ARG A 56 5.61 -27.82 9.27
C ARG A 56 4.86 -26.53 9.73
N ALA A 57 5.03 -26.19 11.00
CA ALA A 57 4.39 -25.03 11.59
C ALA A 57 4.98 -23.74 11.03
N ILE A 58 6.30 -23.74 10.90
CA ILE A 58 7.01 -22.60 10.34
C ILE A 58 6.58 -22.42 8.89
N PHE A 59 6.57 -23.53 8.17
CA PHE A 59 6.37 -23.54 6.73
C PHE A 59 4.94 -23.16 6.42
N ASP A 60 4.07 -23.38 7.40
CA ASP A 60 2.64 -23.10 7.25
C ASP A 60 2.27 -21.65 7.56
N VAL A 61 3.18 -20.89 8.18
CA VAL A 61 2.84 -19.50 8.50
C VAL A 61 2.50 -18.78 7.21
N PRO A 62 1.32 -18.14 7.13
CA PRO A 62 0.99 -17.36 5.93
C PRO A 62 2.10 -16.35 5.64
N ILE A 63 2.45 -16.14 4.38
CA ILE A 63 3.65 -15.37 4.06
C ILE A 63 3.50 -13.91 4.48
N GLU A 64 2.26 -13.41 4.40
CA GLU A 64 1.96 -12.02 4.75
C GLU A 64 2.16 -11.79 6.26
N LYS A 65 2.04 -12.84 7.05
CA LYS A 65 2.12 -12.73 8.51
C LYS A 65 3.55 -12.91 9.06
N TRP A 66 4.46 -13.30 8.20
CA TRP A 66 5.82 -13.58 8.64
C TRP A 66 6.57 -12.29 8.99
N LEU A 67 6.15 -11.17 8.39
CA LEU A 67 6.81 -9.89 8.59
C LEU A 67 6.81 -9.45 10.04
N SER A 68 5.72 -9.72 10.74
CA SER A 68 5.50 -9.14 12.07
C SER A 68 5.42 -10.19 13.17
N ILE A 69 5.36 -11.47 12.80
CA ILE A 69 5.27 -12.53 13.82
C ILE A 69 6.50 -12.51 14.73
N ASP A 70 6.30 -12.87 15.99
CA ASP A 70 7.43 -13.18 16.87
C ASP A 70 7.90 -14.57 16.51
N ARG A 71 8.98 -14.67 15.75
CA ARG A 71 9.35 -15.96 15.18
C ARG A 71 9.74 -16.96 16.26
N SER A 72 10.02 -16.47 17.46
CA SER A 72 10.37 -17.35 18.56
C SER A 72 9.14 -17.92 19.25
N SER A 73 7.97 -17.77 18.62
CA SER A 73 6.78 -18.47 19.08
C SER A 73 6.67 -19.81 18.39
N LEU A 74 7.54 -20.00 17.41
CA LEU A 74 7.68 -21.27 16.72
C LEU A 74 8.80 -22.05 17.36
N SER A 75 8.45 -23.21 17.92
CA SER A 75 9.38 -23.97 18.75
C SER A 75 10.60 -24.41 17.94
N GLY A 76 10.42 -24.61 16.63
CA GLY A 76 11.50 -25.07 15.77
C GLY A 76 12.29 -23.98 15.06
N TRP A 77 12.01 -22.72 15.38
CA TRP A 77 12.74 -21.60 14.79
C TRP A 77 13.96 -21.18 15.58
N LYS A 78 15.01 -20.79 14.84
CA LYS A 78 16.17 -20.14 15.41
C LYS A 78 16.78 -19.23 14.36
N CYS A 79 17.44 -18.19 14.81
CA CYS A 79 18.20 -17.37 13.88
C CYS A 79 19.60 -17.97 13.74
N ALA A 80 19.99 -18.31 12.51
CA ALA A 80 21.27 -19.00 12.28
C ALA A 80 22.49 -18.06 12.19
N VAL A 81 22.27 -16.78 12.50
CA VAL A 81 23.33 -15.77 12.48
C VAL A 81 23.52 -15.27 13.90
N PRO A 82 24.70 -15.48 14.50
CA PRO A 82 24.82 -15.17 15.94
C PRO A 82 24.72 -13.69 16.32
N ARG A 83 25.23 -12.76 15.51
CA ARG A 83 25.08 -11.35 15.82
C ARG A 83 24.71 -10.56 14.56
N PRO A 84 23.41 -10.48 14.27
CA PRO A 84 22.93 -9.82 13.07
C PRO A 84 23.12 -8.32 13.12
N VAL A 85 22.98 -7.68 11.97
CA VAL A 85 23.16 -6.24 11.86
C VAL A 85 21.79 -5.62 11.68
N THR A 86 21.40 -4.81 12.66
CA THR A 86 20.10 -4.20 12.68
C THR A 86 20.12 -2.87 11.93
N ILE A 87 18.94 -2.39 11.55
CA ILE A 87 18.83 -1.19 10.74
C ILE A 87 19.33 0.06 11.46
N GLU A 88 19.36 0.01 12.79
CA GLU A 88 19.86 1.12 13.59
C GLU A 88 21.39 1.12 13.64
N GLN A 89 21.99 0.03 13.16
CA GLN A 89 23.44 -0.11 13.14
C GLN A 89 24.00 0.16 11.74
N LEU A 90 23.16 0.68 10.86
CA LEU A 90 23.58 0.99 9.50
C LEU A 90 23.88 2.48 9.38
N ARG A 91 24.83 2.79 8.49
CA ARG A 91 25.30 4.16 8.30
C ARG A 91 24.78 4.75 6.99
N PRO A 92 23.77 5.62 7.07
CA PRO A 92 23.32 6.32 5.86
C PRO A 92 24.50 7.04 5.19
N VAL A 93 24.48 7.15 3.86
CA VAL A 93 25.56 7.83 3.18
C VAL A 93 25.51 9.32 3.51
N ASP A 94 24.29 9.86 3.59
CA ASP A 94 24.11 11.25 3.97
C ASP A 94 22.72 11.45 4.55
N PRO A 95 22.62 11.47 5.89
CA PRO A 95 21.34 11.69 6.58
C PRO A 95 20.65 12.99 6.22
N SER A 96 21.40 13.92 5.63
CA SER A 96 20.84 15.20 5.21
C SER A 96 20.01 15.04 3.95
N ASP A 97 20.60 14.37 2.97
CA ASP A 97 19.96 14.12 1.69
C ASP A 97 18.68 13.32 1.88
N ALA A 98 17.60 13.78 1.25
CA ALA A 98 16.31 13.13 1.39
C ALA A 98 16.25 11.83 0.59
N ILE A 99 17.36 11.44 -0.03
CA ILE A 99 17.47 10.18 -0.75
C ILE A 99 18.56 9.31 -0.12
N LEU A 100 19.73 9.89 0.08
CA LEU A 100 20.89 9.14 0.55
C LEU A 100 20.83 8.83 2.04
N ARG A 101 19.88 9.44 2.73
CA ARG A 101 19.60 9.06 4.12
C ARG A 101 18.94 7.68 4.18
N HIS A 102 18.50 7.19 3.02
CA HIS A 102 17.79 5.92 2.91
C HIS A 102 18.63 4.89 2.15
N ILE A 103 19.89 5.23 1.90
CA ILE A 103 20.83 4.28 1.33
C ILE A 103 22.00 4.12 2.29
N ALA A 104 22.48 2.88 2.40
CA ALA A 104 23.66 2.60 3.21
C ALA A 104 24.48 1.50 2.56
N LEU A 105 25.77 1.46 2.92
CA LEU A 105 26.67 0.43 2.45
C LEU A 105 27.07 -0.42 3.64
N TYR A 106 27.13 -1.73 3.43
CA TYR A 106 27.54 -2.66 4.46
C TYR A 106 28.65 -3.49 3.90
N ARG A 107 29.70 -3.65 4.70
CA ARG A 107 30.82 -4.48 4.33
C ARG A 107 30.67 -5.85 4.94
N GLY A 108 30.52 -6.87 4.09
CA GLY A 108 30.18 -8.20 4.56
C GLY A 108 29.04 -8.86 3.78
N PRO A 109 28.67 -10.07 4.20
CA PRO A 109 27.70 -10.87 3.47
C PRO A 109 26.26 -10.39 3.74
N VAL A 110 25.44 -10.47 2.72
CA VAL A 110 24.09 -9.95 2.78
C VAL A 110 23.28 -10.66 3.88
N THR A 111 23.60 -11.93 4.13
CA THR A 111 22.89 -12.76 5.09
C THR A 111 22.99 -12.24 6.53
N ASP A 112 23.89 -11.29 6.77
CA ASP A 112 24.02 -10.67 8.10
C ASP A 112 22.88 -9.70 8.44
N LEU A 113 22.24 -9.14 7.42
CA LEU A 113 21.34 -8.00 7.63
C LEU A 113 19.95 -8.40 8.12
N GLN A 114 19.53 -7.78 9.22
CA GLN A 114 18.21 -7.98 9.80
C GLN A 114 17.24 -6.93 9.24
N LEU A 115 16.90 -7.09 7.97
CA LEU A 115 16.00 -6.20 7.26
C LEU A 115 14.70 -6.94 6.85
N ASP A 116 13.74 -6.21 6.33
CA ASP A 116 12.49 -6.84 5.87
C ASP A 116 12.78 -7.90 4.82
N ALA A 117 13.73 -7.63 3.93
CA ALA A 117 14.13 -8.67 2.96
C ALA A 117 15.59 -8.50 2.58
N ILE A 118 16.16 -9.58 2.05
CA ILE A 118 17.47 -9.51 1.41
C ILE A 118 17.31 -10.10 0.03
N VAL A 119 18.26 -9.77 -0.83
CA VAL A 119 18.22 -10.16 -2.23
C VAL A 119 19.08 -11.38 -2.45
N ASN A 120 18.56 -12.33 -3.21
CA ASN A 120 19.33 -13.50 -3.60
C ASN A 120 19.59 -13.51 -5.09
N ALA A 121 20.86 -13.67 -5.47
CA ALA A 121 21.24 -13.74 -6.87
C ALA A 121 21.21 -15.21 -7.29
N ALA A 122 20.08 -15.61 -7.84
CA ALA A 122 19.81 -17.01 -8.11
C ALA A 122 19.87 -17.26 -9.59
N ASN A 123 19.48 -18.46 -9.98
CA ASN A 123 19.44 -18.85 -11.38
C ASN A 123 18.06 -19.30 -11.75
N THR A 124 17.85 -19.50 -13.05
CA THR A 124 16.57 -19.89 -13.62
C THR A 124 15.80 -20.92 -12.80
N ARG A 125 16.48 -21.97 -12.35
CA ARG A 125 15.83 -23.04 -11.60
C ARG A 125 15.40 -22.60 -10.20
N CYS A 126 16.16 -21.67 -9.62
CA CYS A 126 15.88 -21.13 -8.29
C CYS A 126 15.77 -22.25 -7.24
N LEU A 127 16.69 -23.21 -7.32
CA LEU A 127 16.74 -24.33 -6.39
C LEU A 127 18.10 -24.36 -5.70
N GLY A 128 18.67 -23.18 -5.48
CA GLY A 128 19.93 -23.05 -4.80
C GLY A 128 21.11 -23.22 -5.74
N GLY A 129 22.32 -23.25 -5.19
CA GLY A 129 23.54 -23.40 -5.95
C GLY A 129 24.72 -22.88 -5.15
N GLY A 130 25.63 -22.18 -5.82
CA GLY A 130 26.84 -21.66 -5.19
C GLY A 130 26.75 -20.18 -4.85
N GLY A 131 27.88 -19.59 -4.53
CA GLY A 131 27.94 -18.17 -4.24
C GLY A 131 26.94 -17.75 -3.17
N VAL A 132 26.46 -16.51 -3.25
CA VAL A 132 25.48 -16.00 -2.29
C VAL A 132 24.23 -16.89 -2.18
N ASP A 133 23.75 -17.40 -3.32
CA ASP A 133 22.60 -18.29 -3.38
C ASP A 133 22.77 -19.48 -2.44
N GLY A 134 23.93 -20.13 -2.50
CA GLY A 134 24.19 -21.28 -1.66
C GLY A 134 24.34 -20.87 -0.20
N ALA A 135 24.91 -19.71 0.01
CA ALA A 135 25.05 -19.16 1.35
C ALA A 135 23.70 -18.83 2.01
N ILE A 136 22.73 -18.42 1.20
CA ILE A 136 21.45 -17.95 1.74
C ILE A 136 20.65 -19.20 2.09
N HIS A 137 20.70 -20.21 1.24
CA HIS A 137 20.12 -21.51 1.55
C HIS A 137 20.78 -22.20 2.75
N ARG A 138 22.10 -22.07 2.90
CA ARG A 138 22.77 -22.62 4.09
C ARG A 138 22.30 -21.96 5.39
N VAL A 139 22.24 -20.64 5.40
CA VAL A 139 21.87 -19.94 6.63
C VAL A 139 20.37 -20.09 6.92
N ALA A 140 19.54 -20.01 5.89
CA ALA A 140 18.08 -20.06 6.09
C ALA A 140 17.60 -21.46 6.52
N GLY A 141 18.28 -22.49 6.04
CA GLY A 141 17.92 -23.84 6.34
C GLY A 141 17.09 -24.47 5.23
N PRO A 142 16.81 -25.76 5.35
CA PRO A 142 16.17 -26.49 4.26
C PRO A 142 14.73 -26.07 3.92
N LEU A 143 14.07 -25.27 4.76
CA LEU A 143 12.70 -24.92 4.43
C LEU A 143 12.69 -23.94 3.29
N LEU A 144 13.75 -23.16 3.17
CA LEU A 144 13.87 -22.25 2.04
C LEU A 144 13.84 -23.01 0.72
N LEU A 145 14.58 -24.11 0.62
CA LEU A 145 14.56 -24.90 -0.60
C LEU A 145 13.17 -25.45 -0.83
N ARG A 146 12.58 -25.95 0.25
CA ARG A 146 11.23 -26.49 0.17
C ARG A 146 10.24 -25.43 -0.37
N GLU A 147 10.30 -24.19 0.12
CA GLU A 147 9.44 -23.15 -0.43
C GLU A 147 9.74 -22.92 -1.91
N CYS A 148 11.03 -22.95 -2.28
CA CYS A 148 11.39 -22.66 -3.67
C CYS A 148 10.87 -23.72 -4.62
N ALA A 149 10.72 -24.93 -4.09
CA ALA A 149 10.21 -26.04 -4.86
C ALA A 149 8.69 -25.96 -5.08
N THR A 150 8.00 -25.09 -4.36
CA THR A 150 6.57 -24.87 -4.59
C THR A 150 6.27 -24.15 -5.90
N PHE A 151 7.24 -23.42 -6.45
CA PHE A 151 7.03 -22.74 -7.73
C PHE A 151 8.07 -23.13 -8.79
N ASN A 152 7.83 -22.67 -10.01
CA ASN A 152 8.55 -23.15 -11.18
C ASN A 152 9.73 -22.24 -11.55
N GLY A 153 10.68 -22.09 -10.63
CA GLY A 153 11.85 -21.26 -10.88
C GLY A 153 11.55 -19.77 -11.03
N CYS A 154 12.43 -19.08 -11.76
CA CYS A 154 12.33 -17.64 -11.89
C CYS A 154 12.99 -17.18 -13.19
N GLN A 155 12.28 -16.37 -13.96
CA GLN A 155 12.82 -15.88 -15.23
C GLN A 155 13.90 -14.84 -15.00
N THR A 156 14.84 -14.73 -15.92
CA THR A 156 15.85 -13.70 -15.83
C THR A 156 15.15 -12.35 -15.85
N GLY A 157 15.55 -11.46 -14.95
CA GLY A 157 14.93 -10.14 -14.82
C GLY A 157 13.76 -10.08 -13.85
N GLU A 158 13.26 -11.23 -13.43
CA GLU A 158 12.11 -11.27 -12.52
C GLU A 158 12.57 -11.53 -11.08
N CYS A 159 11.60 -11.65 -10.17
CA CYS A 159 11.88 -11.73 -8.73
C CYS A 159 10.81 -12.57 -8.04
N ARG A 160 11.23 -13.53 -7.22
CA ARG A 160 10.34 -14.32 -6.36
C ARG A 160 10.50 -13.97 -4.90
N LEU A 161 9.39 -13.82 -4.20
CA LEU A 161 9.36 -13.57 -2.77
C LEU A 161 9.05 -14.83 -1.96
N THR A 162 9.93 -15.13 -1.00
CA THR A 162 9.74 -16.26 -0.08
C THR A 162 10.00 -15.79 1.35
N LYS A 163 9.64 -16.61 2.33
CA LYS A 163 10.03 -16.36 3.72
C LYS A 163 11.55 -16.60 3.79
N GLY A 164 12.19 -16.17 4.88
CA GLY A 164 13.63 -16.32 5.03
C GLY A 164 14.03 -17.20 6.19
N TYR A 165 13.06 -17.80 6.86
CA TYR A 165 13.28 -18.84 7.88
C TYR A 165 14.35 -18.43 8.89
N GLN A 166 15.52 -19.06 8.84
CA GLN A 166 16.51 -18.88 9.92
C GLN A 166 17.37 -17.64 9.71
N LEU A 167 17.15 -16.93 8.62
CA LEU A 167 17.82 -15.63 8.41
C LEU A 167 17.28 -14.59 9.38
N PRO A 168 18.12 -13.64 9.78
CA PRO A 168 17.54 -12.56 10.57
C PRO A 168 16.56 -11.74 9.74
N ALA A 169 16.80 -11.65 8.44
CA ALA A 169 15.85 -10.99 7.56
C ALA A 169 14.55 -11.79 7.44
N ARG A 170 13.45 -11.09 7.25
CA ARG A 170 12.15 -11.76 7.22
C ARG A 170 11.90 -12.45 5.89
N TYR A 171 12.23 -11.79 4.79
CA TYR A 171 11.97 -12.34 3.47
C TYR A 171 13.22 -12.41 2.63
N VAL A 172 13.17 -13.28 1.62
CA VAL A 172 14.15 -13.30 0.55
C VAL A 172 13.49 -12.93 -0.76
N LEU A 173 14.12 -12.05 -1.49
CA LEU A 173 13.72 -11.67 -2.84
C LEU A 173 14.67 -12.30 -3.83
N HIS A 174 14.28 -13.43 -4.39
CA HIS A 174 15.15 -14.16 -5.30
C HIS A 174 15.03 -13.57 -6.69
N THR A 175 16.09 -12.95 -7.19
CA THR A 175 16.10 -12.45 -8.56
C THR A 175 17.10 -13.26 -9.38
N VAL A 176 16.90 -13.32 -10.69
CA VAL A 176 17.84 -13.99 -11.59
C VAL A 176 18.48 -12.98 -12.52
N GLY A 177 19.79 -12.80 -12.37
CA GLY A 177 20.51 -11.81 -13.14
C GLY A 177 20.91 -12.31 -14.51
N PRO A 178 21.19 -11.38 -15.44
CA PRO A 178 21.59 -11.85 -16.76
C PRO A 178 23.01 -12.38 -16.70
N VAL A 179 23.37 -13.23 -17.66
CA VAL A 179 24.74 -13.65 -17.78
C VAL A 179 25.42 -12.74 -18.80
N GLY A 180 26.53 -12.14 -18.38
CA GLY A 180 27.21 -11.13 -19.18
C GLY A 180 26.53 -9.78 -19.09
N GLU A 181 27.13 -8.77 -19.73
CA GLU A 181 26.61 -7.41 -19.68
C GLU A 181 25.36 -7.24 -20.53
N ARG A 182 24.20 -7.34 -19.88
CA ARG A 182 22.91 -7.05 -20.51
C ARG A 182 22.21 -6.02 -19.65
N PRO A 183 22.44 -4.71 -19.92
CA PRO A 183 21.98 -3.62 -19.06
C PRO A 183 20.48 -3.53 -18.86
N ASP A 184 19.69 -3.83 -19.89
CA ASP A 184 18.24 -3.76 -19.76
C ASP A 184 17.74 -4.88 -18.84
N MET A 185 18.33 -6.06 -18.94
CA MET A 185 18.00 -7.15 -18.02
C MET A 185 18.38 -6.84 -16.59
N LEU A 186 19.59 -6.34 -16.35
CA LEU A 186 19.99 -6.05 -14.97
C LEU A 186 19.11 -4.95 -14.37
N ARG A 187 18.74 -3.96 -15.19
CA ARG A 187 17.88 -2.87 -14.70
CA ARG A 187 17.88 -2.87 -14.70
C ARG A 187 16.55 -3.41 -14.24
N LYS A 188 16.02 -4.37 -15.01
CA LYS A 188 14.78 -5.04 -14.71
C LYS A 188 14.85 -5.77 -13.37
N CYS A 189 15.95 -6.47 -13.11
CA CYS A 189 16.13 -7.13 -11.83
C CYS A 189 15.88 -6.18 -10.66
N TYR A 190 16.51 -5.01 -10.69
CA TYR A 190 16.41 -4.05 -9.60
C TYR A 190 15.00 -3.46 -9.49
N ARG A 191 14.32 -3.29 -10.62
CA ARG A 191 12.97 -2.76 -10.59
C ARG A 191 12.01 -3.80 -10.08
N SER A 192 12.29 -5.07 -10.38
CA SER A 192 11.45 -6.16 -9.93
C SER A 192 11.55 -6.32 -8.41
N ILE A 193 12.77 -6.22 -7.92
CA ILE A 193 13.03 -6.29 -6.48
C ILE A 193 12.28 -5.18 -5.79
N LEU A 194 12.49 -3.96 -6.25
CA LEU A 194 11.92 -2.77 -5.62
C LEU A 194 10.40 -2.75 -5.74
N SER A 195 9.88 -3.30 -6.83
CA SER A 195 8.44 -3.46 -7.02
C SER A 195 7.75 -4.36 -5.99
N LEU A 196 8.29 -5.55 -5.76
CA LEU A 196 7.69 -6.48 -4.81
C LEU A 196 7.82 -5.94 -3.40
N ALA A 197 8.86 -5.14 -3.16
CA ALA A 197 9.03 -4.51 -1.86
C ALA A 197 7.89 -3.50 -1.63
N LEU A 198 7.64 -2.71 -2.66
CA LEU A 198 6.57 -1.71 -2.61
C LEU A 198 5.19 -2.35 -2.50
N LYS A 199 4.89 -3.26 -3.41
CA LYS A 199 3.57 -3.93 -3.43
C LYS A 199 3.24 -4.71 -2.16
N ASN A 200 4.24 -5.05 -1.35
CA ASN A 200 4.01 -5.85 -0.16
C ASN A 200 4.33 -5.11 1.12
N GLY A 201 4.56 -3.81 1.00
CA GLY A 201 4.82 -2.98 2.16
C GLY A 201 6.08 -3.31 2.92
N LEU A 202 7.13 -3.72 2.21
CA LEU A 202 8.41 -3.94 2.84
C LEU A 202 9.19 -2.61 2.84
N ARG A 203 9.81 -2.27 3.96
CA ARG A 203 10.38 -0.94 4.13
C ARG A 203 11.89 -0.97 4.19
N SER A 204 12.50 -2.16 4.18
CA SER A 204 13.95 -2.24 4.03
C SER A 204 14.37 -3.42 3.19
N ILE A 205 15.48 -3.24 2.49
CA ILE A 205 16.03 -4.28 1.60
C ILE A 205 17.53 -4.36 1.70
N GLY A 206 18.05 -5.56 1.93
CA GLY A 206 19.49 -5.80 1.85
C GLY A 206 19.86 -6.38 0.50
N PHE A 207 20.58 -5.60 -0.29
CA PHE A 207 21.01 -6.01 -1.63
C PHE A 207 22.35 -6.73 -1.62
N CYS A 208 22.54 -7.60 -2.61
CA CYS A 208 23.88 -8.13 -2.92
C CYS A 208 24.19 -7.65 -4.33
N CYS A 209 25.44 -7.79 -4.78
CA CYS A 209 25.83 -7.28 -6.10
C CYS A 209 25.52 -8.29 -7.21
N VAL A 210 24.26 -8.33 -7.62
CA VAL A 210 23.74 -9.29 -8.59
C VAL A 210 24.52 -9.33 -9.89
N SER A 211 24.76 -10.55 -10.39
CA SER A 211 25.37 -10.84 -11.68
C SER A 211 26.88 -10.56 -11.80
N THR A 212 27.49 -9.98 -10.76
CA THR A 212 28.88 -9.54 -10.86
C THR A 212 29.85 -10.58 -10.32
N GLY A 213 29.34 -11.72 -9.88
CA GLY A 213 30.19 -12.80 -9.44
C GLY A 213 30.57 -13.69 -10.61
N VAL A 214 30.05 -14.90 -10.61
CA VAL A 214 30.33 -15.83 -11.70
C VAL A 214 29.60 -15.49 -13.00
N TYR A 215 28.51 -14.71 -12.95
CA TYR A 215 27.80 -14.36 -14.19
C TYR A 215 28.57 -13.28 -14.99
N GLY A 216 29.61 -12.71 -14.38
CA GLY A 216 30.61 -11.95 -15.12
C GLY A 216 30.14 -10.61 -15.66
N TYR A 217 29.23 -9.97 -14.96
CA TYR A 217 28.80 -8.62 -15.33
C TYR A 217 29.81 -7.63 -14.75
N PRO A 218 30.42 -6.78 -15.61
CA PRO A 218 31.44 -5.85 -15.10
C PRO A 218 30.97 -5.06 -13.90
N LEU A 219 31.76 -5.05 -12.82
CA LEU A 219 31.30 -4.53 -11.54
C LEU A 219 30.90 -3.06 -11.56
N LEU A 220 31.64 -2.22 -12.27
CA LEU A 220 31.37 -0.78 -12.23
C LEU A 220 30.06 -0.40 -12.96
N PRO A 221 29.85 -0.91 -14.20
CA PRO A 221 28.54 -0.65 -14.82
C PRO A 221 27.34 -1.16 -14.00
N ALA A 222 27.49 -2.34 -13.40
CA ALA A 222 26.42 -2.92 -12.59
C ALA A 222 26.09 -2.09 -11.37
N THR A 223 27.14 -1.66 -10.69
CA THR A 223 26.98 -0.85 -9.49
C THR A 223 26.27 0.44 -9.81
N ARG A 224 26.57 0.99 -10.99
CA ARG A 224 25.96 2.25 -11.39
C ARG A 224 24.47 2.05 -11.67
N ILE A 225 24.14 0.91 -12.28
CA ILE A 225 22.75 0.51 -12.47
C ILE A 225 22.06 0.25 -11.14
N ALA A 226 22.73 -0.46 -10.24
CA ALA A 226 22.15 -0.75 -8.94
C ALA A 226 21.76 0.54 -8.23
N LEU A 227 22.72 1.45 -8.08
CA LEU A 227 22.47 2.69 -7.36
C LEU A 227 21.51 3.59 -8.14
N GLY A 228 21.57 3.50 -9.46
CA GLY A 228 20.76 4.35 -10.31
C GLY A 228 19.29 4.06 -10.19
N GLU A 229 18.92 2.79 -10.32
CA GLU A 229 17.52 2.38 -10.19
C GLU A 229 17.01 2.66 -8.80
N THR A 230 17.83 2.39 -7.79
CA THR A 230 17.42 2.59 -6.40
C THR A 230 17.12 4.05 -6.12
N ARG A 231 17.96 4.94 -6.63
CA ARG A 231 17.75 6.39 -6.50
C ARG A 231 16.47 6.82 -7.19
N LYS A 232 16.32 6.42 -8.45
CA LYS A 232 15.11 6.72 -9.21
C LYS A 232 13.84 6.32 -8.44
N PHE A 233 13.78 5.06 -8.03
CA PHE A 233 12.67 4.55 -7.26
C PHE A 233 12.43 5.38 -6.00
N LEU A 234 13.49 5.66 -5.28
CA LEU A 234 13.37 6.41 -4.03
C LEU A 234 12.78 7.80 -4.23
N GLU A 235 13.09 8.40 -5.37
CA GLU A 235 12.57 9.73 -5.70
C GLU A 235 11.10 9.64 -6.11
N GLU A 236 10.74 8.55 -6.79
CA GLU A 236 9.37 8.41 -7.27
C GLU A 236 8.41 7.90 -6.18
N HIS A 237 8.95 7.34 -5.10
CA HIS A 237 8.13 6.77 -4.04
C HIS A 237 8.60 7.18 -2.66
N GLY A 238 8.69 8.48 -2.43
CA GLY A 238 9.26 8.98 -1.20
C GLY A 238 8.51 8.49 0.02
N GLY A 239 9.25 8.03 1.03
CA GLY A 239 8.64 7.51 2.24
C GLY A 239 8.26 6.04 2.18
N ALA A 240 8.40 5.42 1.01
CA ALA A 240 8.05 4.01 0.84
C ALA A 240 9.08 3.08 1.47
N LEU A 241 10.36 3.45 1.39
CA LEU A 241 11.45 2.64 1.96
C LEU A 241 12.19 3.41 3.02
N ASP A 242 12.49 2.74 4.13
CA ASP A 242 13.35 3.33 5.16
C ASP A 242 14.81 3.19 4.81
N MET A 243 15.19 2.04 4.28
CA MET A 243 16.59 1.74 4.05
C MET A 243 16.83 0.73 2.95
N CYS A 244 17.72 1.08 2.02
CA CYS A 244 18.25 0.17 1.03
C CYS A 244 19.72 -0.03 1.31
N CYS A 245 20.07 -1.22 1.79
CA CYS A 245 21.45 -1.48 2.17
C CYS A 245 22.15 -2.29 1.12
N PHE A 246 23.32 -1.82 0.70
CA PHE A 246 24.08 -2.55 -0.30
C PHE A 246 25.22 -3.27 0.37
N ALA A 247 25.09 -4.60 0.40
CA ALA A 247 26.03 -5.46 1.08
C ALA A 247 27.15 -5.86 0.14
N CYS A 248 28.35 -5.51 0.56
CA CYS A 248 29.53 -5.70 -0.26
C CYS A 248 30.40 -6.77 0.39
N PHE A 249 30.38 -7.94 -0.23
CA PHE A 249 31.03 -9.14 0.28
C PHE A 249 32.55 -9.06 0.06
N GLN A 250 32.93 -8.29 -0.95
CA GLN A 250 34.33 -8.07 -1.30
C GLN A 250 34.73 -6.61 -1.10
N GLU A 251 36.00 -6.36 -0.84
CA GLU A 251 36.47 -5.02 -0.53
C GLU A 251 36.32 -4.07 -1.72
N ASP A 252 36.43 -4.58 -2.94
CA ASP A 252 36.36 -3.70 -4.09
C ASP A 252 34.92 -3.30 -4.34
N GLU A 253 34.00 -4.25 -4.12
CA GLU A 253 32.58 -3.98 -4.18
C GLU A 253 32.29 -2.80 -3.29
N TYR A 254 32.85 -2.80 -2.08
CA TYR A 254 32.65 -1.70 -1.15
C TYR A 254 33.12 -0.38 -1.75
N LYS A 255 34.38 -0.32 -2.15
CA LYS A 255 34.95 0.91 -2.67
C LYS A 255 34.21 1.37 -3.93
N THR A 256 33.87 0.44 -4.81
CA THR A 256 33.10 0.79 -6.01
C THR A 256 31.82 1.53 -5.65
N TYR A 257 30.98 0.94 -4.79
CA TYR A 257 29.76 1.62 -4.34
C TYR A 257 30.07 2.93 -3.62
N GLU A 258 31.13 2.89 -2.81
CA GLU A 258 31.50 4.01 -1.95
C GLU A 258 31.70 5.27 -2.78
N LYS A 259 32.24 5.11 -3.98
CA LYS A 259 32.51 6.25 -4.83
C LYS A 259 31.35 6.54 -5.76
N CYS A 260 30.70 5.49 -6.25
CA CYS A 260 29.55 5.68 -7.13
C CYS A 260 28.42 6.40 -6.41
N VAL A 261 28.53 6.56 -5.10
CA VAL A 261 27.58 7.37 -4.32
C VAL A 261 28.19 8.71 -3.90
N GLY A 262 29.50 8.73 -3.71
CA GLY A 262 30.21 9.96 -3.38
C GLY A 262 29.67 10.65 -2.14
N GLU B 14 -21.31 13.52 20.76
CA GLU B 14 -20.25 14.35 20.17
C GLU B 14 -19.36 13.56 19.21
N PHE B 15 -19.40 13.92 17.92
CA PHE B 15 -18.71 13.18 16.86
C PHE B 15 -17.19 13.24 16.95
N VAL B 16 -16.55 12.29 16.27
CA VAL B 16 -15.11 12.30 16.02
C VAL B 16 -14.91 12.75 14.57
N THR B 17 -14.08 13.75 14.35
CA THR B 17 -13.99 14.40 13.02
C THR B 17 -12.58 14.47 12.46
N TYR B 18 -11.69 13.61 12.97
CA TYR B 18 -10.36 13.48 12.38
C TYR B 18 -9.66 12.25 12.93
N SER B 19 -9.70 11.17 12.15
CA SER B 19 -9.07 9.90 12.49
C SER B 19 -7.66 10.05 13.07
N GLY B 20 -6.92 11.04 12.59
CA GLY B 20 -5.54 11.22 12.97
C GLY B 20 -5.32 12.20 14.10
N GLU B 21 -4.22 12.93 14.02
CA GLU B 21 -3.84 13.93 15.03
C GLU B 21 -3.63 15.29 14.38
N SER B 39 -1.28 29.07 2.97
CA SER B 39 -1.79 28.13 3.98
C SER B 39 -2.84 28.79 4.90
N SER B 40 -2.45 29.16 6.12
CA SER B 40 -3.38 29.89 7.02
C SER B 40 -3.81 31.23 6.45
N PRO B 41 -2.93 31.90 5.69
CA PRO B 41 -3.38 33.12 5.02
C PRO B 41 -4.54 32.87 4.06
N THR B 42 -4.49 31.77 3.31
CA THR B 42 -5.54 31.42 2.36
C THR B 42 -6.83 31.11 3.10
N ARG B 43 -6.71 30.47 4.25
CA ARG B 43 -7.89 30.08 5.01
C ARG B 43 -8.51 31.30 5.69
N THR B 44 -7.69 32.22 6.12
CA THR B 44 -8.17 33.47 6.70
C THR B 44 -9.06 34.18 5.69
N ARG B 45 -8.60 34.27 4.44
CA ARG B 45 -9.36 34.95 3.40
C ARG B 45 -10.69 34.26 3.11
N ILE B 46 -10.71 32.94 3.14
CA ILE B 46 -11.96 32.23 2.90
C ILE B 46 -12.97 32.52 4.02
N LEU B 47 -12.48 32.61 5.25
CA LEU B 47 -13.35 32.77 6.41
C LEU B 47 -13.77 34.23 6.57
N SER B 48 -13.13 35.12 5.82
CA SER B 48 -13.42 36.54 5.89
C SER B 48 -14.72 36.87 5.17
N ALA B 49 -15.14 36.00 4.25
CA ALA B 49 -16.29 36.24 3.40
C ALA B 49 -17.56 36.35 4.20
N ALA B 50 -18.46 37.23 3.75
CA ALA B 50 -19.73 37.43 4.42
C ALA B 50 -20.72 36.31 4.12
N LEU B 51 -21.52 35.97 5.12
CA LEU B 51 -22.57 34.97 5.00
C LEU B 51 -23.96 35.60 5.18
N SER B 52 -24.95 35.14 4.41
CA SER B 52 -26.33 35.51 4.63
C SER B 52 -26.75 34.87 5.94
N PRO B 53 -27.82 35.39 6.57
CA PRO B 53 -28.38 34.74 7.75
C PRO B 53 -28.76 33.28 7.54
N ALA B 54 -29.29 32.94 6.37
CA ALA B 54 -29.69 31.58 6.11
C ALA B 54 -28.44 30.70 5.95
N GLU B 55 -27.37 31.24 5.36
CA GLU B 55 -26.14 30.46 5.22
C GLU B 55 -25.51 30.16 6.57
N ARG B 56 -25.40 31.19 7.41
CA ARG B 56 -24.84 31.05 8.75
C ARG B 56 -25.65 30.06 9.57
N ALA B 57 -26.97 30.08 9.39
CA ALA B 57 -27.85 29.12 10.07
C ALA B 57 -27.37 27.69 9.80
N ILE B 58 -27.12 27.41 8.52
CA ILE B 58 -26.69 26.09 8.11
C ILE B 58 -25.28 25.80 8.61
N PHE B 59 -24.37 26.74 8.42
CA PHE B 59 -22.98 26.53 8.79
C PHE B 59 -22.82 26.27 10.29
N ASP B 60 -23.80 26.71 11.08
CA ASP B 60 -23.68 26.69 12.52
C ASP B 60 -24.42 25.50 13.14
N VAL B 61 -25.25 24.80 12.36
CA VAL B 61 -25.89 23.58 12.85
C VAL B 61 -24.85 22.62 13.39
N PRO B 62 -25.06 22.07 14.60
CA PRO B 62 -24.07 21.13 15.12
C PRO B 62 -23.93 19.92 14.21
N ILE B 63 -22.68 19.52 13.96
CA ILE B 63 -22.42 18.44 13.02
C ILE B 63 -23.14 17.15 13.41
N GLU B 64 -23.28 16.91 14.71
CA GLU B 64 -23.94 15.71 15.20
C GLU B 64 -25.40 15.68 14.79
N LYS B 65 -26.00 16.86 14.73
CA LYS B 65 -27.43 16.98 14.49
C LYS B 65 -27.79 16.89 13.02
N TRP B 66 -26.80 17.12 12.16
CA TRP B 66 -27.00 17.17 10.72
C TRP B 66 -27.49 15.83 10.17
N LEU B 67 -27.19 14.76 10.91
CA LEU B 67 -27.50 13.41 10.45
C LEU B 67 -28.99 13.22 10.23
N SER B 68 -29.80 13.80 11.11
CA SER B 68 -31.22 13.47 11.17
C SER B 68 -32.14 14.68 10.95
N ILE B 69 -31.59 15.88 11.04
CA ILE B 69 -32.40 17.10 10.86
C ILE B 69 -33.14 17.08 9.53
N ASP B 70 -34.31 17.71 9.51
CA ASP B 70 -35.00 18.00 8.26
C ASP B 70 -34.32 19.22 7.61
N ARG B 71 -33.45 18.93 6.65
CA ARG B 71 -32.70 19.96 5.98
C ARG B 71 -33.62 20.92 5.22
N SER B 72 -34.79 20.43 4.82
CA SER B 72 -35.76 21.30 4.15
C SER B 72 -36.44 22.26 5.13
N SER B 73 -35.98 22.28 6.38
CA SER B 73 -36.46 23.23 7.38
C SER B 73 -35.60 24.47 7.45
N LEU B 74 -34.36 24.35 6.96
CA LEU B 74 -33.44 25.48 6.83
C LEU B 74 -33.71 26.20 5.54
N SER B 75 -34.02 27.49 5.61
CA SER B 75 -34.50 28.21 4.44
C SER B 75 -33.39 28.33 3.41
N GLY B 76 -32.15 28.29 3.87
CA GLY B 76 -30.99 28.42 2.98
C GLY B 76 -30.58 27.15 2.27
N TRP B 77 -31.26 26.04 2.53
CA TRP B 77 -30.83 24.73 2.01
C TRP B 77 -31.62 24.29 0.78
N LYS B 78 -30.93 23.57 -0.09
CA LYS B 78 -31.52 22.85 -1.20
C LYS B 78 -30.57 21.74 -1.56
N CYS B 79 -31.10 20.71 -2.20
CA CYS B 79 -30.31 19.64 -2.72
C CYS B 79 -29.97 19.93 -4.18
N ALA B 80 -28.67 19.90 -4.51
CA ALA B 80 -28.20 20.33 -5.82
C ALA B 80 -28.21 19.19 -6.84
N VAL B 81 -28.62 18.01 -6.42
CA VAL B 81 -28.72 16.85 -7.30
C VAL B 81 -30.20 16.62 -7.57
N PRO B 82 -30.65 16.79 -8.82
CA PRO B 82 -32.08 16.65 -9.15
C PRO B 82 -32.65 15.31 -8.75
N ARG B 83 -31.97 14.23 -9.09
CA ARG B 83 -32.52 12.89 -8.89
C ARG B 83 -31.53 11.99 -8.19
N PRO B 84 -31.40 12.16 -6.87
CA PRO B 84 -30.44 11.38 -6.08
C PRO B 84 -30.74 9.91 -6.09
N VAL B 85 -29.72 9.10 -5.85
CA VAL B 85 -29.85 7.66 -5.72
C VAL B 85 -29.93 7.28 -4.25
N THR B 86 -31.05 6.66 -3.87
CA THR B 86 -31.30 6.26 -2.50
C THR B 86 -30.79 4.86 -2.26
N ILE B 87 -30.61 4.47 -0.99
CA ILE B 87 -30.12 3.13 -0.66
C ILE B 87 -31.02 2.06 -1.31
N GLU B 88 -32.32 2.33 -1.32
CA GLU B 88 -33.29 1.38 -1.85
C GLU B 88 -33.16 1.16 -3.35
N GLN B 89 -32.46 2.06 -4.03
CA GLN B 89 -32.26 1.90 -5.47
C GLN B 89 -31.00 1.12 -5.78
N LEU B 90 -30.17 0.90 -4.76
CA LEU B 90 -28.91 0.18 -4.93
C LEU B 90 -29.19 -1.32 -4.90
N ARG B 91 -28.51 -2.05 -5.78
CA ARG B 91 -28.61 -3.51 -5.82
C ARG B 91 -27.42 -4.13 -5.10
N PRO B 92 -27.67 -4.96 -4.09
CA PRO B 92 -26.54 -5.64 -3.46
C PRO B 92 -25.78 -6.53 -4.45
N VAL B 93 -24.48 -6.70 -4.22
CA VAL B 93 -23.66 -7.56 -5.07
C VAL B 93 -24.13 -9.00 -4.98
N ASP B 94 -24.25 -9.50 -3.76
CA ASP B 94 -24.81 -10.83 -3.52
C ASP B 94 -25.67 -10.83 -2.24
N PRO B 95 -26.99 -10.67 -2.39
CA PRO B 95 -27.90 -10.61 -1.23
C PRO B 95 -27.87 -11.88 -0.39
N SER B 96 -27.55 -13.00 -1.04
CA SER B 96 -27.52 -14.29 -0.36
C SER B 96 -26.29 -14.42 0.52
N ASP B 97 -25.30 -13.58 0.31
CA ASP B 97 -24.10 -13.59 1.13
C ASP B 97 -24.26 -12.66 2.31
N ALA B 98 -23.65 -12.99 3.44
CA ALA B 98 -23.83 -12.19 4.65
C ALA B 98 -23.21 -10.79 4.52
N ILE B 99 -22.17 -10.65 3.72
CA ILE B 99 -21.43 -9.38 3.57
C ILE B 99 -21.69 -8.64 2.27
N LEU B 100 -21.66 -9.37 1.15
CA LEU B 100 -21.93 -8.76 -0.15
C LEU B 100 -23.42 -8.41 -0.27
N ARG B 101 -24.21 -8.83 0.70
CA ARG B 101 -25.54 -8.31 0.89
C ARG B 101 -25.42 -6.80 1.17
N HIS B 102 -24.37 -6.43 1.90
CA HIS B 102 -24.15 -5.06 2.34
C HIS B 102 -23.10 -4.29 1.50
N ILE B 103 -23.01 -4.62 0.22
CA ILE B 103 -22.09 -3.94 -0.69
C ILE B 103 -22.75 -3.81 -2.05
N ALA B 104 -22.60 -2.64 -2.67
CA ALA B 104 -23.14 -2.42 -4.01
C ALA B 104 -22.18 -1.60 -4.85
N LEU B 105 -22.37 -1.69 -6.16
CA LEU B 105 -21.63 -0.91 -7.14
C LEU B 105 -22.57 0.02 -7.88
N TYR B 106 -22.11 1.25 -8.14
CA TYR B 106 -22.91 2.24 -8.85
C TYR B 106 -22.14 2.84 -10.01
N ARG B 107 -22.65 2.69 -11.23
CA ARG B 107 -22.12 3.44 -12.37
C ARG B 107 -22.53 4.91 -12.27
N GLY B 108 -21.58 5.76 -11.90
CA GLY B 108 -21.87 7.18 -11.77
C GLY B 108 -21.01 7.85 -10.73
N PRO B 109 -21.16 9.16 -10.60
CA PRO B 109 -20.39 9.95 -9.64
C PRO B 109 -20.86 9.68 -8.23
N VAL B 110 -19.95 9.72 -7.27
CA VAL B 110 -20.33 9.46 -5.88
C VAL B 110 -21.28 10.54 -5.33
N THR B 111 -21.37 11.68 -6.01
CA THR B 111 -22.15 12.80 -5.52
C THR B 111 -23.66 12.53 -5.64
N ASP B 112 -24.01 11.61 -6.54
CA ASP B 112 -25.39 11.14 -6.72
C ASP B 112 -25.98 10.37 -5.54
N LEU B 113 -25.16 9.96 -4.58
CA LEU B 113 -25.62 8.98 -3.58
C LEU B 113 -26.17 9.61 -2.32
N GLN B 114 -27.40 9.22 -1.99
CA GLN B 114 -28.10 9.78 -0.84
C GLN B 114 -27.88 8.87 0.36
N LEU B 115 -26.67 8.90 0.88
CA LEU B 115 -26.24 8.01 1.95
C LEU B 115 -25.77 8.87 3.06
N ASP B 116 -25.40 8.29 4.19
CA ASP B 116 -25.06 9.10 5.35
C ASP B 116 -23.79 9.89 5.09
N ALA B 117 -22.86 9.31 4.36
CA ALA B 117 -21.59 9.96 4.06
C ALA B 117 -21.04 9.53 2.72
N ILE B 118 -20.31 10.43 2.08
CA ILE B 118 -19.57 10.09 0.86
C ILE B 118 -18.10 10.46 1.04
N VAL B 119 -17.24 9.76 0.31
CA VAL B 119 -15.81 9.92 0.47
C VAL B 119 -15.26 10.89 -0.55
N ASN B 120 -14.41 11.81 -0.08
CA ASN B 120 -13.71 12.74 -0.97
C ASN B 120 -12.24 12.34 -1.08
N ALA B 121 -11.75 12.25 -2.30
CA ALA B 121 -10.31 12.05 -2.54
C ALA B 121 -9.64 13.41 -2.74
N ALA B 122 -9.21 13.99 -1.63
CA ALA B 122 -8.65 15.33 -1.63
C ALA B 122 -7.11 15.28 -1.66
N ASN B 123 -6.49 16.44 -1.69
CA ASN B 123 -5.06 16.53 -1.47
C ASN B 123 -4.81 17.09 -0.07
N THR B 124 -3.55 17.33 0.24
CA THR B 124 -3.15 17.62 1.61
C THR B 124 -3.71 18.93 2.15
N ARG B 125 -3.71 19.98 1.33
CA ARG B 125 -4.26 21.27 1.72
C ARG B 125 -5.77 21.16 2.01
N CYS B 126 -6.45 20.34 1.21
CA CYS B 126 -7.87 20.05 1.44
C CYS B 126 -8.73 21.31 1.38
N LEU B 127 -8.64 22.02 0.26
CA LEU B 127 -9.40 23.23 0.02
C LEU B 127 -9.86 23.28 -1.43
N GLY B 128 -10.26 22.13 -1.97
CA GLY B 128 -10.75 22.04 -3.33
C GLY B 128 -9.68 21.74 -4.38
N GLY B 129 -10.10 21.63 -5.63
CA GLY B 129 -9.20 21.26 -6.70
C GLY B 129 -10.00 20.70 -7.86
N GLY B 130 -9.45 19.69 -8.51
CA GLY B 130 -10.09 19.06 -9.64
C GLY B 130 -10.57 17.70 -9.22
N GLY B 131 -10.83 16.82 -10.18
CA GLY B 131 -11.27 15.47 -9.89
C GLY B 131 -12.56 15.45 -9.10
N VAL B 132 -12.75 14.44 -8.27
CA VAL B 132 -13.97 14.29 -7.48
C VAL B 132 -14.05 15.39 -6.43
N ASP B 133 -12.88 15.91 -6.04
CA ASP B 133 -12.77 16.97 -5.05
C ASP B 133 -13.51 18.21 -5.53
N GLY B 134 -13.16 18.62 -6.74
CA GLY B 134 -13.83 19.72 -7.40
C GLY B 134 -15.32 19.47 -7.56
N ALA B 135 -15.69 18.26 -7.98
CA ALA B 135 -17.08 17.89 -8.23
C ALA B 135 -17.89 17.95 -6.95
N ILE B 136 -17.33 17.45 -5.87
CA ILE B 136 -18.02 17.46 -4.60
C ILE B 136 -18.22 18.89 -4.14
N HIS B 137 -17.22 19.75 -4.34
CA HIS B 137 -17.32 21.13 -3.93
C HIS B 137 -18.36 21.90 -4.76
N ARG B 138 -18.40 21.65 -6.06
CA ARG B 138 -19.44 22.20 -6.91
C ARG B 138 -20.82 21.85 -6.38
N VAL B 139 -21.10 20.57 -6.23
CA VAL B 139 -22.41 20.14 -5.74
C VAL B 139 -22.72 20.68 -4.35
N ALA B 140 -21.78 20.54 -3.42
CA ALA B 140 -22.07 20.88 -2.03
C ALA B 140 -22.35 22.36 -1.82
N GLY B 141 -21.65 23.23 -2.56
CA GLY B 141 -21.79 24.66 -2.42
C GLY B 141 -20.66 25.26 -1.60
N PRO B 142 -20.61 26.60 -1.53
CA PRO B 142 -19.45 27.29 -0.96
C PRO B 142 -19.26 27.09 0.55
N LEU B 143 -20.28 26.61 1.24
CA LEU B 143 -20.12 26.36 2.67
C LEU B 143 -19.17 25.19 2.95
N LEU B 144 -19.04 24.26 2.01
CA LEU B 144 -18.13 23.14 2.24
C LEU B 144 -16.69 23.63 2.31
N LEU B 145 -16.29 24.50 1.39
CA LEU B 145 -14.95 25.06 1.43
C LEU B 145 -14.75 25.83 2.73
N ARG B 146 -15.77 26.56 3.17
CA ARG B 146 -15.67 27.33 4.40
C ARG B 146 -15.36 26.42 5.59
N GLU B 147 -16.05 25.30 5.71
CA GLU B 147 -15.80 24.39 6.81
C GLU B 147 -14.40 23.77 6.72
N CYS B 148 -13.87 23.67 5.51
CA CYS B 148 -12.54 23.08 5.30
C CYS B 148 -11.48 24.06 5.76
N ALA B 149 -11.79 25.35 5.66
CA ALA B 149 -10.86 26.39 6.07
C ALA B 149 -10.75 26.52 7.59
N THR B 150 -11.53 25.75 8.32
CA THR B 150 -11.52 25.79 9.78
C THR B 150 -10.62 24.73 10.40
N PHE B 151 -9.88 24.01 9.56
CA PHE B 151 -8.88 23.05 10.03
C PHE B 151 -7.71 23.06 9.07
N ASN B 152 -6.56 22.57 9.52
CA ASN B 152 -5.33 22.69 8.74
C ASN B 152 -5.08 21.43 7.91
N GLY B 153 -5.83 21.28 6.83
CA GLY B 153 -5.61 20.22 5.87
C GLY B 153 -5.88 18.86 6.45
N CYS B 154 -5.36 17.85 5.76
CA CYS B 154 -5.57 16.46 6.14
C CYS B 154 -4.30 15.64 5.87
N GLN B 155 -3.95 14.76 6.79
CA GLN B 155 -2.77 13.93 6.64
C GLN B 155 -3.04 12.73 5.74
N THR B 156 -2.08 12.41 4.87
CA THR B 156 -2.20 11.23 4.01
C THR B 156 -2.58 10.03 4.87
N GLY B 157 -3.65 9.33 4.49
CA GLY B 157 -4.11 8.15 5.21
C GLY B 157 -5.19 8.40 6.24
N GLU B 158 -5.40 9.68 6.60
CA GLU B 158 -6.40 10.05 7.59
C GLU B 158 -7.67 10.55 6.92
N CYS B 159 -8.60 11.09 7.71
CA CYS B 159 -9.93 11.38 7.21
C CYS B 159 -10.65 12.46 8.01
N ARG B 160 -10.88 13.61 7.38
CA ARG B 160 -11.70 14.68 7.97
C ARG B 160 -13.18 14.44 7.71
N LEU B 161 -14.03 14.86 8.66
CA LEU B 161 -15.48 14.78 8.51
C LEU B 161 -16.11 16.16 8.52
N THR B 162 -17.06 16.37 7.63
CA THR B 162 -17.77 17.64 7.55
C THR B 162 -19.20 17.42 7.07
N LYS B 163 -20.03 18.44 7.28
CA LYS B 163 -21.37 18.42 6.72
C LYS B 163 -21.26 18.38 5.20
N GLY B 164 -22.31 17.89 4.57
CA GLY B 164 -22.33 17.75 3.12
C GLY B 164 -23.13 18.81 2.42
N TYR B 165 -23.74 19.68 3.21
CA TYR B 165 -24.55 20.80 2.72
C TYR B 165 -25.50 20.42 1.58
N GLN B 166 -25.29 20.93 0.38
CA GLN B 166 -26.24 20.68 -0.70
C GLN B 166 -26.20 19.28 -1.32
N LEU B 167 -25.21 18.48 -0.93
CA LEU B 167 -25.19 17.06 -1.32
C LEU B 167 -26.40 16.29 -0.82
N PRO B 168 -26.95 15.39 -1.63
CA PRO B 168 -27.98 14.51 -1.04
C PRO B 168 -27.44 13.76 0.19
N ALA B 169 -26.19 13.32 0.15
CA ALA B 169 -25.59 12.68 1.33
C ALA B 169 -25.37 13.64 2.48
N ARG B 170 -25.37 13.13 3.70
CA ARG B 170 -25.39 13.99 4.88
C ARG B 170 -24.02 14.54 5.18
N TYR B 171 -22.99 13.68 5.12
CA TYR B 171 -21.62 14.08 5.46
C TYR B 171 -20.62 13.80 4.35
N VAL B 172 -19.49 14.49 4.37
CA VAL B 172 -18.36 14.16 3.50
C VAL B 172 -17.24 13.66 4.36
N LEU B 173 -16.71 12.49 3.99
CA LEU B 173 -15.50 11.95 4.61
C LEU B 173 -14.33 12.27 3.69
N HIS B 174 -13.51 13.24 4.12
CA HIS B 174 -12.41 13.74 3.30
C HIS B 174 -11.10 13.01 3.58
N THR B 175 -10.71 12.09 2.71
CA THR B 175 -9.44 11.38 2.88
C THR B 175 -8.41 11.84 1.87
N VAL B 176 -7.14 11.66 2.21
CA VAL B 176 -6.05 11.94 1.30
C VAL B 176 -5.27 10.65 1.03
N GLY B 177 -5.24 10.26 -0.24
CA GLY B 177 -4.61 9.02 -0.63
C GLY B 177 -3.19 9.25 -1.06
N PRO B 178 -2.36 8.20 -1.04
CA PRO B 178 -0.97 8.35 -1.46
C PRO B 178 -0.86 8.62 -2.96
N VAL B 179 0.20 9.29 -3.38
CA VAL B 179 0.52 9.36 -4.80
C VAL B 179 1.24 8.08 -5.22
N GLY B 180 0.72 7.42 -6.25
CA GLY B 180 1.28 6.14 -6.66
C GLY B 180 1.01 5.03 -5.67
N GLU B 181 1.53 3.84 -5.97
CA GLU B 181 1.24 2.65 -5.20
C GLU B 181 1.83 2.70 -3.79
N ARG B 182 1.00 2.37 -2.79
CA ARG B 182 1.34 2.42 -1.37
C ARG B 182 0.33 1.64 -0.53
N PRO B 183 0.34 0.32 -0.62
CA PRO B 183 -0.73 -0.49 -0.01
C PRO B 183 -1.00 -0.16 1.46
N ASP B 184 0.03 0.26 2.16
CA ASP B 184 -0.06 0.50 3.60
C ASP B 184 -0.84 1.76 3.86
N MET B 185 -0.62 2.77 3.02
CA MET B 185 -1.36 4.03 3.10
C MET B 185 -2.83 3.85 2.72
N LEU B 186 -3.07 3.36 1.51
CA LEU B 186 -4.42 3.23 1.00
C LEU B 186 -5.29 2.37 1.94
N ARG B 187 -4.70 1.38 2.58
CA ARG B 187 -5.43 0.60 3.57
C ARG B 187 -5.84 1.47 4.75
N LYS B 188 -4.92 2.30 5.21
CA LYS B 188 -5.18 3.23 6.30
C LYS B 188 -6.35 4.14 5.95
N CYS B 189 -6.32 4.72 4.76
CA CYS B 189 -7.41 5.56 4.27
C CYS B 189 -8.75 4.93 4.51
N TYR B 190 -8.92 3.73 3.97
CA TYR B 190 -10.20 3.06 3.99
C TYR B 190 -10.58 2.65 5.41
N ARG B 191 -9.58 2.53 6.27
CA ARG B 191 -9.81 2.20 7.69
C ARG B 191 -10.34 3.43 8.42
N SER B 192 -9.61 4.54 8.30
CA SER B 192 -10.04 5.84 8.85
C SER B 192 -11.49 6.18 8.47
N ILE B 193 -11.77 6.15 7.18
CA ILE B 193 -13.11 6.37 6.67
C ILE B 193 -14.10 5.47 7.38
N LEU B 194 -13.72 4.21 7.58
CA LEU B 194 -14.61 3.25 8.20
C LEU B 194 -14.68 3.44 9.71
N SER B 195 -13.58 3.89 10.31
CA SER B 195 -13.55 4.20 11.73
C SER B 195 -14.60 5.25 12.11
N LEU B 196 -14.40 6.47 11.63
CA LEU B 196 -15.28 7.58 11.92
C LEU B 196 -16.73 7.23 11.63
N ALA B 197 -16.97 6.40 10.62
CA ALA B 197 -18.34 5.98 10.31
C ALA B 197 -18.95 5.13 11.43
N LEU B 198 -18.12 4.27 12.02
CA LEU B 198 -18.55 3.40 13.11
C LEU B 198 -18.79 4.22 14.36
N LYS B 199 -17.81 5.06 14.70
CA LYS B 199 -17.88 5.88 15.90
C LYS B 199 -19.07 6.84 15.88
N ASN B 200 -19.30 7.48 14.75
CA ASN B 200 -20.30 8.52 14.67
C ASN B 200 -21.65 7.98 14.24
N GLY B 201 -21.78 6.66 14.26
CA GLY B 201 -23.06 6.03 14.06
C GLY B 201 -23.62 6.16 12.66
N LEU B 202 -22.76 5.99 11.66
CA LEU B 202 -23.18 6.06 10.27
C LEU B 202 -23.63 4.71 9.73
N ARG B 203 -24.67 4.74 8.91
CA ARG B 203 -25.31 3.53 8.42
C ARG B 203 -24.91 3.18 6.99
N SER B 204 -24.42 4.18 6.24
CA SER B 204 -24.11 3.98 4.83
C SER B 204 -23.04 4.94 4.32
N ILE B 205 -22.17 4.40 3.47
CA ILE B 205 -21.03 5.15 2.95
C ILE B 205 -20.95 5.01 1.44
N GLY B 206 -20.62 6.14 0.80
CA GLY B 206 -20.42 6.17 -0.64
C GLY B 206 -18.95 6.41 -0.94
N PHE B 207 -18.32 5.42 -1.57
CA PHE B 207 -16.90 5.50 -1.89
C PHE B 207 -16.67 5.95 -3.32
N CYS B 208 -15.59 6.71 -3.53
CA CYS B 208 -15.03 6.93 -4.85
C CYS B 208 -13.74 6.08 -4.88
N CYS B 209 -13.09 5.98 -6.02
CA CYS B 209 -11.93 5.09 -6.13
C CYS B 209 -10.67 5.88 -5.81
N VAL B 210 -10.34 5.95 -4.53
CA VAL B 210 -9.33 6.88 -4.05
C VAL B 210 -7.95 6.52 -4.61
N SER B 211 -7.25 7.56 -5.07
CA SER B 211 -5.88 7.52 -5.60
C SER B 211 -5.75 6.96 -7.01
N THR B 212 -6.83 6.43 -7.57
CA THR B 212 -6.73 5.77 -8.88
C THR B 212 -6.95 6.73 -10.02
N GLY B 213 -7.00 8.03 -9.70
CA GLY B 213 -7.23 9.05 -10.70
C GLY B 213 -5.95 9.80 -11.03
N VAL B 214 -5.90 11.06 -10.59
CA VAL B 214 -4.70 11.87 -10.75
C VAL B 214 -3.48 11.21 -10.09
N TYR B 215 -3.72 10.48 -9.01
CA TYR B 215 -2.64 9.97 -8.18
C TYR B 215 -2.12 8.60 -8.66
N GLY B 216 -2.68 8.10 -9.75
CA GLY B 216 -2.07 7.03 -10.51
C GLY B 216 -1.85 5.71 -9.80
N TYR B 217 -2.66 5.42 -8.79
CA TYR B 217 -2.59 4.13 -8.13
C TYR B 217 -3.17 3.09 -9.07
N PRO B 218 -2.40 2.02 -9.34
CA PRO B 218 -2.93 0.97 -10.20
C PRO B 218 -4.28 0.51 -9.74
N LEU B 219 -5.21 0.41 -10.68
CA LEU B 219 -6.61 0.28 -10.38
C LEU B 219 -6.93 -1.05 -9.69
N LEU B 220 -6.36 -2.15 -10.17
CA LEU B 220 -6.70 -3.46 -9.64
C LEU B 220 -6.19 -3.63 -8.19
N PRO B 221 -4.92 -3.32 -7.92
CA PRO B 221 -4.50 -3.35 -6.51
C PRO B 221 -5.35 -2.45 -5.58
N ALA B 222 -5.64 -1.24 -6.04
CA ALA B 222 -6.49 -0.30 -5.28
C ALA B 222 -7.86 -0.89 -4.93
N THR B 223 -8.54 -1.41 -5.94
CA THR B 223 -9.83 -2.03 -5.75
C THR B 223 -9.79 -3.17 -4.74
N ARG B 224 -8.68 -3.92 -4.72
CA ARG B 224 -8.58 -5.10 -3.87
C ARG B 224 -8.43 -4.72 -2.41
N ILE B 225 -7.76 -3.59 -2.19
CA ILE B 225 -7.64 -3.00 -0.86
C ILE B 225 -8.96 -2.36 -0.40
N ALA B 226 -9.57 -1.61 -1.32
CA ALA B 226 -10.84 -0.95 -1.04
C ALA B 226 -11.89 -1.98 -0.64
N LEU B 227 -12.11 -2.97 -1.51
CA LEU B 227 -13.06 -4.04 -1.21
C LEU B 227 -12.61 -4.84 0.01
N GLY B 228 -11.31 -5.02 0.12
CA GLY B 228 -10.71 -5.85 1.17
C GLY B 228 -11.02 -5.38 2.57
N GLU B 229 -10.61 -4.17 2.89
CA GLU B 229 -10.88 -3.59 4.20
C GLU B 229 -12.35 -3.46 4.50
N THR B 230 -13.15 -3.22 3.46
CA THR B 230 -14.59 -3.09 3.63
C THR B 230 -15.20 -4.46 3.93
N ARG B 231 -14.56 -5.52 3.44
CA ARG B 231 -14.96 -6.88 3.80
C ARG B 231 -14.62 -7.12 5.26
N LYS B 232 -13.37 -6.83 5.62
CA LYS B 232 -12.88 -7.01 6.99
C LYS B 232 -13.78 -6.29 8.00
N PHE B 233 -14.02 -5.01 7.79
CA PHE B 233 -14.85 -4.22 8.68
C PHE B 233 -16.26 -4.80 8.81
N LEU B 234 -16.87 -5.12 7.67
CA LEU B 234 -18.19 -5.73 7.66
C LEU B 234 -18.21 -7.00 8.52
N GLU B 235 -17.10 -7.74 8.49
CA GLU B 235 -16.92 -8.93 9.30
C GLU B 235 -16.80 -8.60 10.78
N GLU B 236 -15.80 -7.78 11.12
CA GLU B 236 -15.51 -7.46 12.52
C GLU B 236 -16.66 -6.74 13.20
N HIS B 237 -16.78 -5.44 12.96
CA HIS B 237 -17.86 -4.67 13.58
C HIS B 237 -19.15 -4.88 12.77
N GLY B 238 -19.89 -5.91 13.14
CA GLY B 238 -21.00 -6.39 12.33
C GLY B 238 -22.25 -5.54 12.39
N GLY B 239 -23.08 -5.65 11.36
CA GLY B 239 -24.37 -4.97 11.30
C GLY B 239 -24.32 -3.47 11.44
N ALA B 240 -23.11 -2.89 11.47
CA ALA B 240 -22.93 -1.45 11.66
C ALA B 240 -23.39 -0.68 10.43
N LEU B 241 -23.04 -1.19 9.26
CA LEU B 241 -23.35 -0.53 8.00
C LEU B 241 -24.43 -1.28 7.24
N ASP B 242 -25.46 -0.55 6.82
CA ASP B 242 -26.51 -1.11 5.98
C ASP B 242 -26.01 -1.38 4.57
N MET B 243 -25.12 -0.52 4.11
CA MET B 243 -24.73 -0.52 2.71
C MET B 243 -23.42 0.23 2.49
N CYS B 244 -22.52 -0.39 1.74
CA CYS B 244 -21.30 0.27 1.25
C CYS B 244 -21.39 0.32 -0.27
N CYS B 245 -21.48 1.54 -0.79
CA CYS B 245 -21.61 1.72 -2.23
C CYS B 245 -20.31 2.26 -2.78
N PHE B 246 -19.80 1.59 -3.80
CA PHE B 246 -18.59 2.01 -4.49
C PHE B 246 -19.00 2.65 -5.79
N ALA B 247 -18.95 3.99 -5.82
CA ALA B 247 -19.29 4.72 -7.02
C ALA B 247 -18.12 4.61 -7.99
N CYS B 248 -18.42 4.21 -9.23
CA CYS B 248 -17.43 4.09 -10.29
C CYS B 248 -17.81 5.05 -11.40
N PHE B 249 -17.12 6.17 -11.41
CA PHE B 249 -17.37 7.25 -12.35
C PHE B 249 -16.97 6.86 -13.77
N GLN B 250 -15.97 5.99 -13.90
CA GLN B 250 -15.47 5.58 -15.21
C GLN B 250 -15.67 4.06 -15.39
N GLU B 251 -15.79 3.64 -16.65
CA GLU B 251 -16.04 2.24 -17.00
CA GLU B 251 -16.04 2.24 -16.99
C GLU B 251 -14.99 1.27 -16.44
N ASP B 252 -13.71 1.64 -16.53
CA ASP B 252 -12.65 0.71 -16.11
C ASP B 252 -12.80 0.41 -14.63
N GLU B 253 -13.22 1.41 -13.87
CA GLU B 253 -13.39 1.26 -12.43
C GLU B 253 -14.51 0.27 -12.13
N TYR B 254 -15.63 0.40 -12.86
CA TYR B 254 -16.77 -0.49 -12.64
C TYR B 254 -16.42 -1.96 -12.89
N LYS B 255 -15.89 -2.23 -14.09
CA LYS B 255 -15.52 -3.60 -14.48
C LYS B 255 -14.47 -4.23 -13.54
N THR B 256 -13.59 -3.39 -12.98
CA THR B 256 -12.59 -3.87 -12.03
C THR B 256 -13.26 -4.30 -10.72
N TYR B 257 -14.09 -3.42 -10.14
CA TYR B 257 -14.85 -3.77 -8.93
C TYR B 257 -15.72 -4.99 -9.17
N GLU B 258 -16.34 -5.02 -10.35
CA GLU B 258 -17.24 -6.07 -10.75
C GLU B 258 -16.54 -7.43 -10.76
N LYS B 259 -15.35 -7.47 -11.35
CA LYS B 259 -14.61 -8.71 -11.43
C LYS B 259 -14.08 -9.11 -10.05
N CYS B 260 -13.77 -8.12 -9.22
CA CYS B 260 -13.22 -8.41 -7.91
C CYS B 260 -14.24 -8.98 -6.93
N VAL B 261 -15.53 -8.73 -7.16
CA VAL B 261 -16.55 -9.25 -6.24
C VAL B 261 -17.17 -10.54 -6.80
N GLY B 262 -16.69 -10.98 -7.97
CA GLY B 262 -17.15 -12.24 -8.55
C GLY B 262 -18.62 -12.22 -8.91
#